data_8A2I
#
_entry.id   8A2I
#
_cell.length_a   94.117
_cell.length_b   117.282
_cell.length_c   35.934
_cell.angle_alpha   90.000
_cell.angle_beta   90.000
_cell.angle_gamma   90.000
#
_symmetry.space_group_name_H-M   'P 21 21 2'
#
loop_
_entity.id
_entity.type
_entity.pdbx_description
1 polymer 'Stimulator of interferon genes protein'
2 non-polymer 2-azanyl-9-[(1~{R},6~{R},8~{R},9~{R},10~{S},15~{R},17~{R},18~{R})-8-[4-azanyl-5-(4-naphthalen-2-ylphenyl)pyrrolo[2,3-d]pyrimidin-7-yl]-3,9,12,18-tetrakis(oxidanyl)-3,12-bis(oxidanylidene)-2,4,7,11,13,16-hexaoxa-3$l^{5},12$l^{5}-diphosphatricyclo[13.2.1.0^{6,10}]octadecan-17-yl]-3~{H}-purin-6-one
3 water water
#
_entity_poly.entity_id   1
_entity_poly.type   'polypeptide(L)'
_entity_poly.pdbx_seq_one_letter_code
;SAPAEISAVCEKGNFNVAHGLAWSYYIGYLRLILPELQARIRTYNQHYNNLLRGAVSQRLYILLPLDCGVPDNLSMADPN
IRFLDKLPQQTGDRAGIKDRVYSNSIYELLENGQRAGTCVLEYATPLQTLFAMSQYSQAGFSREDRLEQAKLFCRTLEDI
LADAPESQNNCRLIAYQEPADDSSFSLSQEVLRHLRQEEKEEVTVGSLKTSAVPSTSTMSQEPELLISGMEKPLPLRTDF
S
;
_entity_poly.pdbx_strand_id   A,B
#
loop_
_chem_comp.id
_chem_comp.type
_chem_comp.name
_chem_comp.formula
KWF non-polymer 2-azanyl-9-[(1~{R},6~{R},8~{R},9~{R},10~{S},15~{R},17~{R},18~{R})-8-[4-azanyl-5-(4-naphthalen-2-ylphenyl)pyrrolo[2,3-d]pyrimidin-7-yl]-3,9,12,18-tetrakis(oxidanyl)-3,12-bis(oxidanylidene)-2,4,7,11,13,16-hexaoxa-3$l^{5},12$l^{5}-diphosphatricyclo[13.2.1.0^{6,10}]octadecan-17-yl]-3~{H}-purin-6-one 'C37 H35 N9 O13 P2'
#
# COMPACT_ATOMS: atom_id res chain seq x y z
N VAL A 9 -3.37 -20.76 -16.72
CA VAL A 9 -3.99 -21.81 -15.85
C VAL A 9 -2.88 -22.62 -15.18
N CYS A 10 -1.71 -22.01 -14.96
CA CYS A 10 -0.56 -22.79 -14.44
C CYS A 10 -0.12 -22.27 -13.06
N GLU A 11 0.83 -22.97 -12.44
CA GLU A 11 1.39 -22.52 -11.14
C GLU A 11 2.34 -21.35 -11.37
N LYS A 12 3.06 -21.36 -12.49
CA LYS A 12 4.00 -20.26 -12.82
C LYS A 12 3.23 -18.94 -12.68
N GLY A 13 2.00 -18.92 -13.14
CA GLY A 13 1.13 -17.73 -12.98
C GLY A 13 0.78 -17.44 -11.52
N ASN A 14 0.33 -18.46 -10.78
CA ASN A 14 0.10 -18.36 -9.31
C ASN A 14 1.41 -17.95 -8.60
N PHE A 15 2.56 -18.35 -9.15
CA PHE A 15 3.87 -17.98 -8.55
C PHE A 15 4.17 -16.51 -8.83
N ASN A 16 4.00 -16.08 -10.08
CA ASN A 16 4.33 -14.69 -10.47
C ASN A 16 3.46 -13.73 -9.66
N VAL A 17 2.17 -14.03 -9.55
CA VAL A 17 1.23 -13.15 -8.79
C VAL A 17 1.74 -13.01 -7.36
N ALA A 18 2.03 -14.14 -6.70
CA ALA A 18 2.43 -14.07 -5.27
C ALA A 18 3.83 -13.45 -5.13
N HIS A 19 4.73 -13.81 -6.04
CA HIS A 19 6.11 -13.26 -6.04
C HIS A 19 6.05 -11.73 -6.04
N GLY A 20 5.27 -11.16 -6.94
CA GLY A 20 5.13 -9.69 -7.03
C GLY A 20 4.53 -9.09 -5.79
N LEU A 21 3.48 -9.70 -5.26
CA LEU A 21 2.80 -9.17 -4.06
C LEU A 21 3.76 -9.24 -2.85
N ALA A 22 4.55 -10.30 -2.73
CA ALA A 22 5.47 -10.46 -1.58
C ALA A 22 6.56 -9.40 -1.67
N TRP A 23 7.15 -9.21 -2.84
CA TRP A 23 8.13 -8.11 -3.10
C TRP A 23 7.49 -6.77 -2.81
N SER A 24 6.25 -6.55 -3.24
CA SER A 24 5.55 -5.25 -3.01
C SER A 24 5.43 -5.03 -1.50
N TYR A 25 5.13 -6.09 -0.75
CA TYR A 25 4.92 -6.00 0.71
C TYR A 25 6.25 -5.63 1.37
N TYR A 26 7.36 -6.15 0.85
CA TYR A 26 8.72 -5.84 1.35
C TYR A 26 9.11 -4.41 0.94
N ILE A 27 9.09 -4.13 -0.36
CA ILE A 27 9.54 -2.83 -0.94
C ILE A 27 8.71 -1.65 -0.42
N GLY A 28 7.39 -1.73 -0.40
CA GLY A 28 6.53 -0.58 -0.02
C GLY A 28 6.16 -0.49 1.45
N TYR A 29 6.64 -1.40 2.30
CA TYR A 29 6.20 -1.39 3.72
C TYR A 29 7.28 -1.93 4.66
N LEU A 30 7.53 -3.23 4.62
CA LEU A 30 8.43 -3.87 5.61
C LEU A 30 9.84 -3.24 5.61
N ARG A 31 10.46 -3.05 4.45
CA ARG A 31 11.84 -2.47 4.41
C ARG A 31 11.81 -1.03 4.92
N LEU A 32 10.67 -0.35 4.86
CA LEU A 32 10.54 1.05 5.35
C LEU A 32 10.19 1.11 6.85
N ILE A 33 9.35 0.21 7.39
CA ILE A 33 8.94 0.33 8.83
C ILE A 33 9.81 -0.52 9.76
N LEU A 34 10.29 -1.68 9.32
CA LEU A 34 11.02 -2.57 10.27
C LEU A 34 12.23 -1.87 10.92
N PRO A 35 13.03 -1.04 10.21
CA PRO A 35 14.22 -0.45 10.81
C PRO A 35 13.98 0.43 12.06
N GLU A 36 12.88 1.18 12.09
CA GLU A 36 12.58 2.09 13.22
C GLU A 36 11.50 1.47 14.14
N LEU A 37 11.08 0.25 13.86
CA LEU A 37 9.97 -0.40 14.63
C LEU A 37 10.32 -0.48 16.12
N GLN A 38 11.49 -1.04 16.43
CA GLN A 38 11.92 -1.32 17.82
C GLN A 38 12.15 -0.01 18.58
N ALA A 39 12.59 1.06 17.93
CA ALA A 39 12.63 2.42 18.52
C ALA A 39 11.21 2.84 18.90
N ARG A 40 10.26 2.73 17.97
CA ARG A 40 8.84 3.10 18.20
C ARG A 40 8.31 2.29 19.39
N ILE A 41 8.55 0.97 19.47
CA ILE A 41 8.02 0.09 20.56
C ILE A 41 8.69 0.46 21.88
N ARG A 42 10.02 0.62 21.89
CA ARG A 42 10.83 1.02 23.06
C ARG A 42 10.28 2.34 23.58
N THR A 43 10.06 3.31 22.70
CA THR A 43 9.49 4.64 23.05
C THR A 43 8.16 4.43 23.77
N TYR A 44 7.29 3.63 23.16
CA TYR A 44 5.92 3.38 23.67
C TYR A 44 6.05 2.81 25.10
N ASN A 45 6.92 1.82 25.26
CA ASN A 45 7.10 1.06 26.53
C ASN A 45 7.61 2.03 27.62
N GLN A 46 8.65 2.80 27.32
CA GLN A 46 9.35 3.69 28.29
C GLN A 46 8.40 4.81 28.73
N HIS A 47 7.60 5.36 27.82
CA HIS A 47 6.88 6.62 28.08
C HIS A 47 5.40 6.37 28.42
N TYR A 48 4.76 5.38 27.79
CA TYR A 48 3.29 5.21 27.91
C TYR A 48 2.85 3.85 28.44
N ASN A 49 3.77 2.96 28.79
CA ASN A 49 3.37 1.58 29.21
C ASN A 49 4.38 1.05 30.23
N ASN A 50 4.31 1.54 31.46
CA ASN A 50 5.23 1.09 32.54
C ASN A 50 4.65 -0.13 33.25
N LEU A 51 3.89 -0.96 32.55
CA LEU A 51 3.32 -2.20 33.13
C LEU A 51 4.38 -3.30 33.05
N LEU A 52 4.91 -3.72 34.19
CA LEU A 52 6.07 -4.66 34.24
C LEU A 52 5.75 -6.03 33.62
N ARG A 53 4.48 -6.43 33.52
CA ARG A 53 4.05 -7.67 32.80
C ARG A 53 3.18 -7.31 31.59
N GLY A 54 3.29 -6.09 31.08
CA GLY A 54 2.39 -5.59 30.02
C GLY A 54 3.16 -4.94 28.90
N ALA A 55 4.48 -5.17 28.83
CA ALA A 55 5.35 -4.54 27.81
C ALA A 55 4.92 -5.02 26.44
N VAL A 56 4.93 -4.10 25.48
CA VAL A 56 4.71 -4.46 24.06
C VAL A 56 5.91 -5.28 23.61
N SER A 57 5.67 -6.44 22.98
CA SER A 57 6.72 -7.30 22.42
C SER A 57 7.48 -6.50 21.36
N GLN A 58 8.70 -6.92 21.05
CA GLN A 58 9.68 -6.18 20.20
C GLN A 58 9.50 -6.50 18.71
N ARG A 59 8.56 -7.37 18.34
CA ARG A 59 8.39 -7.81 16.93
C ARG A 59 7.03 -7.40 16.38
N LEU A 60 6.99 -7.11 15.08
CA LEU A 60 5.75 -7.05 14.28
C LEU A 60 5.28 -8.48 13.96
N TYR A 61 4.12 -8.86 14.48
CA TYR A 61 3.41 -10.15 14.26
C TYR A 61 2.47 -9.94 13.08
N ILE A 62 2.72 -10.67 12.01
CA ILE A 62 1.98 -10.60 10.72
C ILE A 62 1.18 -11.89 10.57
N LEU A 63 -0.15 -11.78 10.59
CA LEU A 63 -1.09 -12.90 10.44
C LEU A 63 -1.25 -13.21 8.97
N LEU A 64 -1.01 -14.47 8.59
CA LEU A 64 -1.12 -15.02 7.23
C LEU A 64 -2.13 -16.14 7.27
N PRO A 65 -3.45 -15.83 7.27
CA PRO A 65 -4.47 -16.85 7.12
C PRO A 65 -4.41 -17.41 5.70
N LEU A 66 -4.25 -18.73 5.56
CA LEU A 66 -3.97 -19.36 4.23
C LEU A 66 -5.20 -19.36 3.32
N ASP A 67 -6.43 -19.18 3.83
CA ASP A 67 -7.66 -18.98 3.01
C ASP A 67 -7.79 -17.52 2.57
N CYS A 68 -6.84 -16.65 2.99
CA CYS A 68 -6.78 -15.20 2.67
C CYS A 68 -8.03 -14.49 3.17
N GLY A 69 -8.65 -14.97 4.24
CA GLY A 69 -9.83 -14.33 4.83
C GLY A 69 -9.38 -13.31 5.86
N VAL A 70 -9.38 -12.03 5.49
CA VAL A 70 -8.76 -10.94 6.30
C VAL A 70 -9.88 -10.00 6.72
N PRO A 71 -10.32 -10.05 8.00
CA PRO A 71 -11.27 -9.06 8.51
C PRO A 71 -10.55 -7.71 8.60
N ASP A 72 -11.27 -6.59 8.48
CA ASP A 72 -10.66 -5.25 8.73
C ASP A 72 -10.57 -5.01 10.23
N ASN A 73 -11.53 -5.52 11.01
CA ASN A 73 -11.43 -5.39 12.49
C ASN A 73 -10.88 -6.69 13.10
N LEU A 74 -9.65 -6.65 13.60
CA LEU A 74 -8.98 -7.84 14.20
C LEU A 74 -9.61 -8.14 15.56
N SER A 75 -9.89 -7.10 16.35
CA SER A 75 -10.50 -7.28 17.70
C SER A 75 -11.80 -8.06 17.61
N MET A 76 -12.51 -7.95 16.49
CA MET A 76 -13.84 -8.63 16.36
C MET A 76 -13.65 -10.14 16.09
N ALA A 77 -12.51 -10.52 15.52
CA ALA A 77 -12.21 -11.94 15.22
C ALA A 77 -12.02 -12.77 16.50
N ASP A 78 -11.93 -12.12 17.66
CA ASP A 78 -11.67 -12.85 18.94
C ASP A 78 -11.99 -11.95 20.14
N PRO A 79 -12.98 -12.31 20.97
CA PRO A 79 -13.29 -11.55 22.18
C PRO A 79 -12.04 -11.36 23.05
N ASN A 80 -11.05 -12.22 22.87
CA ASN A 80 -9.82 -12.18 23.69
C ASN A 80 -8.69 -11.39 22.98
N ILE A 81 -8.99 -10.75 21.84
CA ILE A 81 -8.08 -9.72 21.25
C ILE A 81 -8.73 -8.34 21.41
N ARG A 82 -8.14 -7.48 22.24
CA ARG A 82 -8.68 -6.12 22.52
C ARG A 82 -7.69 -5.07 22.00
N PHE A 83 -8.16 -4.16 21.15
CA PHE A 83 -7.38 -2.97 20.74
C PHE A 83 -7.01 -2.17 22.00
N LEU A 84 -5.75 -1.76 22.08
CA LEU A 84 -5.17 -1.03 23.24
C LEU A 84 -4.78 0.39 22.83
N ASP A 85 -4.03 0.54 21.74
CA ASP A 85 -3.45 1.84 21.32
C ASP A 85 -2.75 1.71 19.98
N LYS A 86 -2.21 2.81 19.50
CA LYS A 86 -1.38 2.85 18.28
C LYS A 86 0.04 3.20 18.72
N LEU A 87 1.04 2.70 18.00
CA LEU A 87 2.42 3.15 18.19
C LEU A 87 2.48 4.61 17.77
N PRO A 88 3.60 5.32 18.04
CA PRO A 88 3.84 6.61 17.41
C PRO A 88 3.82 6.39 15.89
N GLN A 89 3.10 7.21 15.14
CA GLN A 89 3.06 7.14 13.67
C GLN A 89 4.43 7.44 13.03
N GLN A 90 4.64 6.93 11.81
CA GLN A 90 5.81 7.25 10.96
C GLN A 90 5.30 7.76 9.61
N THR A 91 5.78 8.93 9.16
CA THR A 91 5.32 9.57 7.89
C THR A 91 6.46 9.51 6.85
N GLY A 92 6.09 9.55 5.56
CA GLY A 92 7.02 9.63 4.42
C GLY A 92 6.39 10.34 3.23
N ASP A 93 7.15 11.14 2.50
CA ASP A 93 6.78 11.57 1.12
C ASP A 93 6.95 10.36 0.20
N ARG A 94 5.87 9.91 -0.41
CA ARG A 94 5.83 8.63 -1.15
C ARG A 94 5.17 8.90 -2.51
N ALA A 95 5.94 8.80 -3.61
CA ALA A 95 5.47 8.83 -5.02
C ALA A 95 4.67 10.11 -5.34
N GLY A 96 5.09 11.25 -4.75
CA GLY A 96 4.46 12.57 -4.96
C GLY A 96 3.25 12.83 -4.06
N ILE A 97 3.06 12.00 -3.01
CA ILE A 97 2.08 12.21 -1.89
C ILE A 97 2.89 12.68 -0.68
N LYS A 98 2.65 13.92 -0.25
CA LYS A 98 3.35 14.47 0.93
C LYS A 98 2.80 13.81 2.19
N ASP A 99 3.70 13.31 3.03
CA ASP A 99 3.28 12.77 4.35
C ASP A 99 2.32 11.59 4.24
N ARG A 100 2.67 10.57 3.44
N ARG A 100 2.68 10.58 3.46
CA ARG A 100 1.87 9.33 3.47
CA ARG A 100 1.88 9.33 3.48
C ARG A 100 2.09 8.77 4.87
C ARG A 100 2.10 8.76 4.88
N VAL A 101 1.06 8.21 5.49
CA VAL A 101 1.20 7.80 6.91
C VAL A 101 1.34 6.29 7.12
N TYR A 102 2.34 5.86 7.88
CA TYR A 102 2.46 4.44 8.31
C TYR A 102 2.16 4.35 9.82
N SER A 103 1.11 3.60 10.18
CA SER A 103 0.64 3.39 11.57
C SER A 103 0.53 1.90 11.88
N ASN A 104 0.61 1.54 13.15
CA ASN A 104 0.61 0.14 13.64
C ASN A 104 -0.17 0.13 14.96
N SER A 105 -1.03 -0.86 15.12
CA SER A 105 -1.96 -0.99 16.25
C SER A 105 -1.46 -2.04 17.25
N ILE A 106 -1.53 -1.69 18.54
CA ILE A 106 -1.10 -2.55 19.68
C ILE A 106 -2.37 -3.21 20.23
N TYR A 107 -2.31 -4.53 20.44
CA TYR A 107 -3.45 -5.36 20.91
C TYR A 107 -3.07 -6.06 22.21
N GLU A 108 -4.04 -6.22 23.09
CA GLU A 108 -3.86 -7.02 24.33
C GLU A 108 -4.47 -8.38 24.03
N LEU A 109 -3.79 -9.44 24.43
CA LEU A 109 -4.26 -10.84 24.26
C LEU A 109 -4.70 -11.36 25.63
N LEU A 110 -5.99 -11.69 25.74
CA LEU A 110 -6.60 -12.16 27.01
C LEU A 110 -6.64 -13.69 27.01
N GLU A 111 -6.56 -14.27 28.20
CA GLU A 111 -6.59 -15.73 28.44
C GLU A 111 -6.99 -15.97 29.89
N ASN A 112 -8.10 -16.67 30.13
CA ASN A 112 -8.62 -16.97 31.50
C ASN A 112 -8.89 -15.62 32.19
N GLY A 113 -9.51 -14.69 31.48
CA GLY A 113 -9.89 -13.34 31.96
C GLY A 113 -8.71 -12.44 32.28
N GLN A 114 -7.48 -12.87 32.01
CA GLN A 114 -6.25 -12.11 32.38
C GLN A 114 -5.53 -11.69 31.09
N ARG A 115 -4.75 -10.60 31.12
CA ARG A 115 -3.83 -10.20 30.01
C ARG A 115 -2.62 -11.16 29.95
N ALA A 116 -2.49 -11.87 28.83
CA ALA A 116 -1.44 -12.89 28.60
C ALA A 116 -0.34 -12.33 27.68
N GLY A 117 -0.63 -11.31 26.89
CA GLY A 117 0.38 -10.72 25.99
C GLY A 117 -0.05 -9.38 25.45
N THR A 118 0.93 -8.60 24.97
CA THR A 118 0.72 -7.28 24.33
C THR A 118 1.63 -7.21 23.10
N CYS A 119 1.10 -6.91 21.93
CA CYS A 119 1.94 -6.92 20.71
C CYS A 119 1.35 -6.07 19.60
N VAL A 120 2.22 -5.70 18.67
CA VAL A 120 1.88 -5.05 17.39
C VAL A 120 1.46 -6.17 16.45
N LEU A 121 0.21 -6.12 16.00
CA LEU A 121 -0.45 -7.26 15.32
C LEU A 121 -1.23 -6.73 14.12
N GLU A 122 -1.11 -7.41 13.00
CA GLU A 122 -1.81 -7.00 11.77
C GLU A 122 -1.79 -8.13 10.74
N TYR A 123 -2.79 -8.13 9.88
CA TYR A 123 -2.82 -9.11 8.77
C TYR A 123 -1.94 -8.58 7.66
N ALA A 124 -1.41 -9.47 6.85
CA ALA A 124 -0.65 -9.02 5.66
C ALA A 124 -1.64 -8.51 4.60
N THR A 125 -1.76 -7.23 4.44
N THR A 125 -1.76 -7.24 4.44
CA THR A 125 -2.81 -6.61 3.60
CA THR A 125 -2.82 -6.63 3.61
C THR A 125 -2.90 -7.26 2.21
C THR A 125 -2.91 -7.26 2.21
N PRO A 126 -1.81 -7.71 1.60
CA PRO A 126 -1.87 -8.23 0.24
C PRO A 126 -2.76 -9.48 0.05
N LEU A 127 -3.03 -10.21 1.13
CA LEU A 127 -3.91 -11.40 1.04
C LEU A 127 -5.31 -11.00 0.58
N GLN A 128 -5.72 -9.77 0.90
CA GLN A 128 -7.03 -9.25 0.47
C GLN A 128 -7.03 -9.17 -1.06
N THR A 129 -5.92 -8.81 -1.68
CA THR A 129 -5.79 -8.81 -3.16
C THR A 129 -5.90 -10.26 -3.69
N LEU A 130 -5.26 -11.24 -3.05
CA LEU A 130 -5.38 -12.65 -3.49
C LEU A 130 -6.84 -13.10 -3.35
N PHE A 131 -7.54 -12.69 -2.29
CA PHE A 131 -8.98 -13.07 -2.17
C PHE A 131 -9.82 -12.41 -3.28
N ALA A 132 -9.68 -11.11 -3.47
CA ALA A 132 -10.50 -10.38 -4.48
C ALA A 132 -10.31 -10.97 -5.86
N MET A 133 -9.07 -11.26 -6.24
CA MET A 133 -8.76 -11.81 -7.57
C MET A 133 -9.44 -13.18 -7.72
N SER A 134 -9.68 -13.89 -6.62
CA SER A 134 -10.41 -15.18 -6.65
C SER A 134 -11.89 -14.91 -6.87
N GLN A 135 -12.36 -13.71 -6.51
CA GLN A 135 -13.81 -13.42 -6.55
C GLN A 135 -14.21 -12.62 -7.81
N TYR A 136 -13.25 -12.00 -8.50
CA TYR A 136 -13.59 -11.13 -9.65
C TYR A 136 -13.24 -11.84 -10.97
N SER A 137 -14.22 -11.95 -11.86
CA SER A 137 -14.04 -12.68 -13.14
C SER A 137 -12.89 -12.12 -13.98
N GLN A 138 -12.68 -10.81 -13.99
CA GLN A 138 -11.62 -10.17 -14.82
C GLN A 138 -10.24 -10.67 -14.39
N ALA A 139 -10.08 -11.05 -13.12
CA ALA A 139 -8.76 -11.46 -12.60
C ALA A 139 -8.43 -12.88 -13.05
N GLY A 140 -9.44 -13.74 -13.25
CA GLY A 140 -9.25 -15.09 -13.80
C GLY A 140 -8.57 -16.08 -12.86
N PHE A 141 -8.86 -16.07 -11.55
CA PHE A 141 -8.25 -17.01 -10.57
C PHE A 141 -9.32 -17.77 -9.79
N SER A 142 -9.05 -19.04 -9.54
CA SER A 142 -9.90 -19.99 -8.79
C SER A 142 -9.51 -19.95 -7.31
N ARG A 143 -10.35 -20.55 -6.46
CA ARG A 143 -10.03 -20.69 -5.03
C ARG A 143 -8.71 -21.46 -4.93
N GLU A 144 -8.56 -22.52 -5.72
CA GLU A 144 -7.37 -23.42 -5.67
C GLU A 144 -6.14 -22.58 -6.05
N ASP A 145 -6.28 -21.67 -7.01
CA ASP A 145 -5.20 -20.71 -7.35
C ASP A 145 -4.91 -19.83 -6.12
N ARG A 146 -5.96 -19.32 -5.49
CA ARG A 146 -5.79 -18.43 -4.31
C ARG A 146 -4.99 -19.17 -3.23
N LEU A 147 -5.34 -20.41 -2.93
CA LEU A 147 -4.66 -21.20 -1.86
C LEU A 147 -3.19 -21.42 -2.23
N GLU A 148 -2.90 -21.71 -3.49
CA GLU A 148 -1.51 -21.88 -3.96
C GLU A 148 -0.75 -20.54 -3.84
N GLN A 149 -1.37 -19.43 -4.25
CA GLN A 149 -0.72 -18.09 -4.28
C GLN A 149 -0.45 -17.65 -2.83
N ALA A 150 -1.33 -18.00 -1.89
CA ALA A 150 -1.20 -17.66 -0.46
C ALA A 150 0.02 -18.35 0.14
N LYS A 151 0.16 -19.63 -0.15
CA LYS A 151 1.33 -20.44 0.26
C LYS A 151 2.61 -19.88 -0.38
N LEU A 152 2.57 -19.55 -1.67
CA LEU A 152 3.76 -19.03 -2.38
C LEU A 152 4.09 -17.64 -1.84
N PHE A 153 3.08 -16.84 -1.48
CA PHE A 153 3.32 -15.52 -0.86
C PHE A 153 4.09 -15.66 0.46
N CYS A 154 3.61 -16.51 1.37
N CYS A 154 3.62 -16.51 1.38
CA CYS A 154 4.25 -16.69 2.70
CA CYS A 154 4.28 -16.66 2.70
C CYS A 154 5.69 -17.18 2.53
C CYS A 154 5.71 -17.16 2.52
N ARG A 155 5.91 -18.11 1.60
CA ARG A 155 7.25 -18.70 1.37
C ARG A 155 8.19 -17.63 0.78
N THR A 156 7.70 -16.89 -0.20
CA THR A 156 8.50 -15.83 -0.82
C THR A 156 8.82 -14.83 0.28
N LEU A 157 7.85 -14.45 1.09
CA LEU A 157 8.04 -13.39 2.09
C LEU A 157 9.08 -13.85 3.12
N GLU A 158 9.04 -15.14 3.50
CA GLU A 158 9.99 -15.71 4.49
C GLU A 158 11.39 -15.65 3.88
N ASP A 159 11.54 -16.08 2.63
CA ASP A 159 12.86 -16.10 1.94
C ASP A 159 13.36 -14.65 1.88
N ILE A 160 12.49 -13.72 1.53
CA ILE A 160 12.86 -12.27 1.49
C ILE A 160 13.33 -11.87 2.88
N LEU A 161 12.56 -12.14 3.93
CA LEU A 161 12.90 -11.61 5.27
C LEU A 161 14.14 -12.30 5.81
N ALA A 162 14.34 -13.57 5.50
CA ALA A 162 15.51 -14.35 5.96
C ALA A 162 16.80 -13.64 5.53
N ASP A 163 16.83 -12.99 4.36
CA ASP A 163 18.02 -12.31 3.79
C ASP A 163 17.95 -10.79 3.99
N ALA A 164 16.82 -10.20 4.39
CA ALA A 164 16.66 -8.72 4.45
C ALA A 164 17.41 -8.13 5.63
N PRO A 165 18.21 -7.07 5.39
CA PRO A 165 19.00 -6.43 6.46
C PRO A 165 18.09 -5.68 7.44
N GLU A 166 16.87 -5.31 7.01
CA GLU A 166 15.92 -4.60 7.90
C GLU A 166 15.25 -5.59 8.86
N SER A 167 15.28 -6.88 8.55
CA SER A 167 14.69 -7.89 9.47
C SER A 167 15.76 -8.43 10.43
N GLN A 168 15.68 -8.04 11.69
CA GLN A 168 16.62 -8.52 12.72
C GLN A 168 15.83 -8.70 14.02
N ASN A 169 15.28 -9.89 14.23
CA ASN A 169 14.49 -10.17 15.46
C ASN A 169 13.45 -9.08 15.68
N ASN A 170 12.74 -8.68 14.61
CA ASN A 170 11.74 -7.59 14.72
C ASN A 170 10.48 -7.93 13.93
N CYS A 171 10.39 -9.12 13.37
CA CYS A 171 9.25 -9.53 12.53
C CYS A 171 8.99 -11.02 12.78
N ARG A 172 7.72 -11.41 12.83
CA ARG A 172 7.35 -12.84 12.95
C ARG A 172 6.10 -13.05 12.10
N LEU A 173 6.17 -14.00 11.18
CA LEU A 173 5.01 -14.44 10.36
C LEU A 173 4.30 -15.54 11.13
N ILE A 174 2.96 -15.43 11.19
CA ILE A 174 2.04 -16.42 11.80
C ILE A 174 1.09 -16.91 10.71
N ALA A 175 1.42 -18.04 10.11
CA ALA A 175 0.62 -18.69 9.06
C ALA A 175 -0.22 -19.77 9.72
N TYR A 176 -1.50 -19.83 9.35
CA TYR A 176 -2.44 -20.78 9.97
C TYR A 176 -3.58 -21.05 9.01
N GLN A 177 -4.24 -22.19 9.22
CA GLN A 177 -5.42 -22.54 8.41
C GLN A 177 -6.63 -22.16 9.25
N GLU A 178 -7.73 -21.74 8.63
CA GLU A 178 -8.90 -21.28 9.43
C GLU A 178 -10.21 -21.61 8.70
N SER A 183 -14.50 -20.63 14.40
CA SER A 183 -15.51 -21.42 15.13
C SER A 183 -14.84 -21.89 16.43
N SER A 184 -14.20 -23.06 16.44
CA SER A 184 -13.41 -23.58 17.59
C SER A 184 -12.07 -22.84 17.69
N PHE A 185 -11.67 -22.07 16.67
CA PHE A 185 -10.32 -21.46 16.53
C PHE A 185 -10.24 -20.13 17.30
N SER A 186 -9.22 -20.02 18.16
CA SER A 186 -8.85 -18.81 18.93
C SER A 186 -7.59 -18.17 18.33
N LEU A 187 -7.71 -16.97 17.77
CA LEU A 187 -6.59 -16.31 17.08
C LEU A 187 -5.59 -15.84 18.14
N SER A 188 -6.10 -15.35 19.27
CA SER A 188 -5.31 -14.98 20.46
C SER A 188 -4.41 -16.16 20.87
N GLN A 189 -4.98 -17.38 20.96
CA GLN A 189 -4.20 -18.59 21.33
C GLN A 189 -3.10 -18.80 20.30
N GLU A 190 -3.44 -18.68 19.01
CA GLU A 190 -2.45 -18.84 17.91
C GLU A 190 -1.29 -17.86 18.12
N VAL A 191 -1.56 -16.60 18.47
CA VAL A 191 -0.51 -15.55 18.63
C VAL A 191 0.23 -15.76 19.95
N LEU A 192 -0.51 -16.07 21.04
CA LEU A 192 0.09 -16.31 22.37
C LEU A 192 1.14 -17.43 22.28
N ARG A 193 0.87 -18.48 21.50
CA ARG A 193 1.82 -19.60 21.38
C ARG A 193 3.14 -19.06 20.80
N HIS A 194 3.07 -18.28 19.71
CA HIS A 194 4.26 -17.66 19.06
C HIS A 194 4.93 -16.71 20.06
N LEU A 195 4.17 -15.82 20.68
CA LEU A 195 4.73 -14.86 21.68
C LEU A 195 5.50 -15.62 22.76
N ARG A 196 4.89 -16.67 23.31
CA ARG A 196 5.46 -17.37 24.50
C ARG A 196 6.74 -18.10 24.08
N GLN A 197 6.86 -18.48 22.81
CA GLN A 197 8.06 -19.14 22.24
C GLN A 197 9.20 -18.12 22.10
N GLU A 198 8.91 -16.81 22.08
CA GLU A 198 9.94 -15.75 22.01
C GLU A 198 10.78 -15.75 23.29
N GLU A 199 10.15 -15.46 24.43
CA GLU A 199 10.91 -15.38 25.70
C GLU A 199 10.86 -16.74 26.39
N PHE B 15 -1.63 -14.15 -14.25
CA PHE B 15 -0.63 -14.58 -15.26
C PHE B 15 0.77 -14.14 -14.82
N ASN B 16 0.96 -12.85 -14.53
CA ASN B 16 2.32 -12.34 -14.21
C ASN B 16 2.31 -11.36 -13.02
N VAL B 17 3.46 -10.80 -12.68
CA VAL B 17 3.61 -9.86 -11.53
C VAL B 17 2.68 -8.67 -11.66
N ALA B 18 2.61 -8.06 -12.84
CA ALA B 18 1.82 -6.83 -13.04
C ALA B 18 0.33 -7.04 -12.72
N HIS B 19 -0.19 -8.25 -12.96
N HIS B 19 -0.16 -8.26 -12.96
CA HIS B 19 -1.63 -8.53 -12.75
CA HIS B 19 -1.60 -8.55 -12.77
C HIS B 19 -1.97 -8.36 -11.27
C HIS B 19 -1.96 -8.38 -11.29
N GLY B 20 -1.11 -8.88 -10.40
CA GLY B 20 -1.32 -8.73 -8.95
C GLY B 20 -1.11 -7.30 -8.50
N LEU B 21 -0.12 -6.63 -9.07
CA LEU B 21 0.18 -5.22 -8.71
C LEU B 21 -1.01 -4.34 -9.13
N ALA B 22 -1.54 -4.55 -10.32
CA ALA B 22 -2.68 -3.75 -10.84
C ALA B 22 -3.89 -4.04 -9.95
N TRP B 23 -4.18 -5.31 -9.72
CA TRP B 23 -5.32 -5.67 -8.85
C TRP B 23 -5.10 -5.11 -7.45
N SER B 24 -3.88 -5.14 -6.92
CA SER B 24 -3.60 -4.64 -5.55
C SER B 24 -3.91 -3.13 -5.47
N TYR B 25 -3.59 -2.38 -6.53
CA TYR B 25 -3.69 -0.91 -6.57
C TYR B 25 -5.16 -0.53 -6.59
N TYR B 26 -5.95 -1.29 -7.32
CA TYR B 26 -7.42 -1.12 -7.36
C TYR B 26 -7.99 -1.52 -6.00
N ILE B 27 -7.81 -2.79 -5.61
CA ILE B 27 -8.41 -3.33 -4.36
C ILE B 27 -8.01 -2.53 -3.12
N GLY B 28 -6.73 -2.29 -2.90
CA GLY B 28 -6.27 -1.64 -1.66
C GLY B 28 -6.25 -0.12 -1.67
N TYR B 29 -6.57 0.52 -2.80
CA TYR B 29 -6.47 1.99 -2.85
C TYR B 29 -7.60 2.63 -3.69
N LEU B 30 -7.56 2.52 -5.02
CA LEU B 30 -8.50 3.23 -5.90
C LEU B 30 -9.97 2.96 -5.55
N ARG B 31 -10.35 1.70 -5.35
CA ARG B 31 -11.77 1.38 -5.05
C ARG B 31 -12.19 1.95 -3.70
N LEU B 32 -11.22 2.26 -2.83
CA LEU B 32 -11.50 2.83 -1.48
C LEU B 32 -11.52 4.36 -1.50
N ILE B 33 -10.59 5.02 -2.21
CA ILE B 33 -10.45 6.52 -2.12
C ILE B 33 -11.30 7.20 -3.19
N LEU B 34 -11.50 6.60 -4.37
CA LEU B 34 -12.16 7.26 -5.52
C LEU B 34 -13.60 7.61 -5.18
N PRO B 35 -14.39 6.71 -4.52
CA PRO B 35 -15.77 7.04 -4.18
C PRO B 35 -15.88 8.30 -3.31
N GLU B 36 -14.89 8.56 -2.46
CA GLU B 36 -14.91 9.67 -1.46
C GLU B 36 -14.14 10.89 -1.98
N LEU B 37 -13.42 10.78 -3.09
CA LEU B 37 -12.49 11.85 -3.56
C LEU B 37 -13.27 13.14 -3.78
N GLN B 38 -14.39 13.07 -4.51
CA GLN B 38 -15.17 14.25 -4.98
C GLN B 38 -15.60 15.11 -3.78
N ALA B 39 -16.03 14.48 -2.70
CA ALA B 39 -16.46 15.13 -1.43
C ALA B 39 -15.27 15.84 -0.78
N ARG B 40 -14.11 15.18 -0.71
CA ARG B 40 -12.90 15.70 -0.03
C ARG B 40 -12.45 17.01 -0.71
N ILE B 41 -12.58 17.05 -2.04
CA ILE B 41 -12.17 18.19 -2.90
C ILE B 41 -13.11 19.39 -2.62
N ARG B 42 -14.38 19.13 -2.30
CA ARG B 42 -15.40 20.17 -1.93
C ARG B 42 -15.11 20.71 -0.51
N THR B 43 -14.86 19.83 0.46
CA THR B 43 -14.43 20.18 1.85
C THR B 43 -13.17 21.06 1.81
N TYR B 44 -12.29 20.82 0.83
CA TYR B 44 -11.09 21.68 0.58
C TYR B 44 -11.55 23.03 0.04
N ASN B 45 -12.51 23.02 -0.89
CA ASN B 45 -12.94 24.28 -1.54
C ASN B 45 -13.91 25.02 -0.61
N GLN B 46 -14.06 24.57 0.63
CA GLN B 46 -15.03 25.20 1.58
C GLN B 46 -14.31 25.56 2.87
N HIS B 47 -12.99 25.38 2.91
CA HIS B 47 -12.19 25.73 4.11
C HIS B 47 -10.74 25.92 3.70
N ASN B 50 -11.64 28.38 -1.06
CA ASN B 50 -10.37 28.39 -1.82
C ASN B 50 -10.65 28.78 -3.27
N LEU B 51 -11.83 29.35 -3.55
CA LEU B 51 -12.26 29.69 -4.94
C LEU B 51 -11.44 30.86 -5.52
N LEU B 52 -11.12 31.85 -4.70
CA LEU B 52 -10.37 33.04 -5.19
C LEU B 52 -9.04 32.59 -5.77
N ARG B 53 -8.46 31.50 -5.27
CA ARG B 53 -7.13 31.05 -5.71
C ARG B 53 -7.19 30.24 -7.01
N GLY B 54 -8.31 29.56 -7.27
CA GLY B 54 -8.42 28.66 -8.43
C GLY B 54 -8.94 27.31 -8.01
N ALA B 55 -9.88 26.75 -8.76
CA ALA B 55 -10.49 25.47 -8.35
C ALA B 55 -9.58 24.29 -8.71
N VAL B 56 -9.62 23.24 -7.91
CA VAL B 56 -8.83 22.01 -8.18
C VAL B 56 -9.67 21.11 -9.08
N SER B 57 -9.11 20.64 -10.18
CA SER B 57 -9.85 19.65 -11.02
C SER B 57 -10.40 18.58 -10.09
N GLN B 58 -11.56 18.02 -10.40
CA GLN B 58 -12.20 17.07 -9.46
C GLN B 58 -11.79 15.63 -9.79
N ARG B 59 -10.58 15.42 -10.30
CA ARG B 59 -10.16 14.06 -10.69
C ARG B 59 -8.75 13.75 -10.18
N LEU B 60 -8.55 12.51 -9.74
CA LEU B 60 -7.19 12.08 -9.32
C LEU B 60 -6.40 11.81 -10.60
N TYR B 61 -5.31 12.56 -10.83
CA TYR B 61 -4.36 12.38 -11.96
C TYR B 61 -3.23 11.47 -11.48
N ILE B 62 -3.07 10.33 -12.16
CA ILE B 62 -2.11 9.24 -11.81
C ILE B 62 -1.14 9.12 -12.96
N LEU B 63 0.13 9.39 -12.69
CA LEU B 63 1.22 9.33 -13.70
C LEU B 63 1.73 7.90 -13.77
N LEU B 64 1.81 7.36 -14.98
CA LEU B 64 2.33 6.00 -15.25
C LEU B 64 3.60 6.12 -16.11
N PRO B 65 4.74 6.58 -15.56
CA PRO B 65 6.00 6.54 -16.28
C PRO B 65 6.41 5.08 -16.53
N LEU B 66 6.53 4.68 -17.79
CA LEU B 66 6.82 3.27 -18.17
C LEU B 66 8.25 2.87 -17.80
N ASP B 67 9.20 3.82 -17.70
CA ASP B 67 10.59 3.51 -17.24
C ASP B 67 10.58 3.25 -15.72
N CYS B 68 9.45 3.43 -15.04
CA CYS B 68 9.27 3.13 -13.58
C CYS B 68 10.15 4.07 -12.72
N GLY B 69 10.58 5.21 -13.28
CA GLY B 69 11.32 6.25 -12.54
C GLY B 69 10.33 7.15 -11.81
N VAL B 70 10.23 7.00 -10.49
CA VAL B 70 9.16 7.64 -9.67
C VAL B 70 9.79 8.39 -8.52
N PRO B 71 10.12 9.68 -8.65
CA PRO B 71 10.63 10.44 -7.51
C PRO B 71 9.52 10.59 -6.46
N ASP B 72 9.91 10.52 -5.20
CA ASP B 72 9.01 10.63 -4.02
C ASP B 72 8.44 12.05 -3.93
N ASN B 73 9.17 13.06 -4.47
CA ASN B 73 8.75 14.48 -4.60
C ASN B 73 8.66 14.86 -6.09
N LEU B 74 7.49 15.32 -6.55
CA LEU B 74 7.17 15.60 -7.99
C LEU B 74 7.99 16.78 -8.53
N SER B 75 8.30 17.80 -7.71
CA SER B 75 9.12 18.97 -8.14
C SER B 75 10.47 18.52 -8.72
N MET B 76 11.01 17.36 -8.30
CA MET B 76 12.29 16.85 -8.85
C MET B 76 12.10 16.22 -10.23
N ALA B 77 10.90 15.79 -10.59
CA ALA B 77 10.53 15.40 -11.98
C ALA B 77 10.43 16.65 -12.87
N ASP B 78 9.88 17.76 -12.37
CA ASP B 78 9.69 19.04 -13.11
C ASP B 78 9.49 20.18 -12.12
N PRO B 79 10.38 21.20 -12.07
CA PRO B 79 10.31 22.24 -11.04
C PRO B 79 9.04 23.10 -11.14
N ASN B 80 8.35 23.05 -12.28
CA ASN B 80 7.07 23.75 -12.55
C ASN B 80 5.89 23.02 -11.88
N ILE B 81 6.14 21.88 -11.23
CA ILE B 81 5.11 21.18 -10.44
C ILE B 81 5.45 21.46 -9.00
N ARG B 82 4.60 22.21 -8.30
CA ARG B 82 4.93 22.67 -6.93
C ARG B 82 3.81 22.24 -5.97
N PHE B 83 4.19 21.66 -4.84
CA PHE B 83 3.24 21.24 -3.79
C PHE B 83 2.50 22.47 -3.29
N LEU B 84 1.18 22.43 -3.34
CA LEU B 84 0.35 23.57 -2.88
C LEU B 84 -0.22 23.21 -1.51
N ASP B 85 -0.80 22.03 -1.38
CA ASP B 85 -1.47 21.65 -0.11
C ASP B 85 -1.88 20.18 -0.14
N LYS B 86 -2.26 19.66 1.02
CA LYS B 86 -2.72 18.25 1.12
C LYS B 86 -4.24 18.27 1.25
N LEU B 87 -4.93 17.38 0.55
CA LEU B 87 -6.40 17.29 0.62
C LEU B 87 -6.78 16.69 1.97
N PRO B 88 -7.98 16.96 2.52
CA PRO B 88 -8.42 16.38 3.78
C PRO B 88 -8.09 14.89 3.86
N GLN B 89 -7.52 14.44 4.98
CA GLN B 89 -7.09 13.02 5.09
C GLN B 89 -8.28 12.07 5.22
N GLN B 90 -8.10 10.85 4.74
CA GLN B 90 -9.12 9.77 4.83
C GLN B 90 -8.49 8.61 5.60
N THR B 91 -9.13 8.20 6.70
CA THR B 91 -8.59 7.12 7.55
C THR B 91 -9.53 5.91 7.47
N GLY B 92 -8.96 4.73 7.36
CA GLY B 92 -9.77 3.50 7.34
C GLY B 92 -9.15 2.41 8.18
N ASP B 93 -9.95 1.72 8.98
CA ASP B 93 -9.45 0.53 9.73
C ASP B 93 -9.19 -0.56 8.69
N ARG B 94 -7.94 -0.96 8.50
CA ARG B 94 -7.63 -1.93 7.41
C ARG B 94 -6.72 -3.06 7.90
N ALA B 95 -7.14 -4.33 7.75
CA ALA B 95 -6.31 -5.50 8.10
C ALA B 95 -5.77 -5.46 9.53
N GLY B 96 -6.54 -4.92 10.48
CA GLY B 96 -6.15 -4.81 11.90
C GLY B 96 -5.29 -3.58 12.17
N LYS B 98 -5.95 -0.16 12.13
CA LYS B 98 -6.79 0.80 12.90
C LYS B 98 -6.40 2.23 12.55
N ASP B 99 -7.24 2.91 11.77
CA ASP B 99 -7.00 4.32 11.36
C ASP B 99 -5.82 4.37 10.41
N ARG B 100 -5.84 3.53 9.38
CA ARG B 100 -4.81 3.65 8.33
C ARG B 100 -5.14 4.95 7.59
N VAL B 101 -4.14 5.80 7.34
CA VAL B 101 -4.38 7.15 6.76
C VAL B 101 -4.19 7.09 5.23
N TYR B 102 -5.19 7.55 4.47
CA TYR B 102 -5.10 7.80 3.00
C TYR B 102 -5.04 9.31 2.77
N SER B 103 -3.87 9.78 2.34
CA SER B 103 -3.55 11.21 2.07
C SER B 103 -3.23 11.42 0.57
N ASN B 104 -3.60 12.59 0.05
CA ASN B 104 -3.40 13.00 -1.37
C ASN B 104 -2.90 14.44 -1.37
N SER B 105 -2.15 14.82 -2.41
CA SER B 105 -1.42 16.09 -2.48
C SER B 105 -1.91 16.91 -3.67
N ILE B 106 -2.18 18.19 -3.41
CA ILE B 106 -2.67 19.14 -4.43
C ILE B 106 -1.45 19.93 -4.92
N TYR B 107 -1.27 19.95 -6.23
CA TYR B 107 -0.11 20.59 -6.87
C TYR B 107 -0.60 21.71 -7.77
N GLU B 108 0.25 22.70 -7.93
CA GLU B 108 0.05 23.76 -8.94
C GLU B 108 1.00 23.44 -10.09
N LEU B 109 0.57 23.80 -11.31
CA LEU B 109 1.43 23.68 -12.52
C LEU B 109 1.73 25.09 -13.05
N LEU B 110 3.00 25.47 -13.01
CA LEU B 110 3.50 26.80 -13.47
C LEU B 110 3.71 26.77 -14.99
N GLU B 111 3.31 27.86 -15.64
CA GLU B 111 3.66 28.25 -17.03
C GLU B 111 4.17 29.68 -16.98
N ASN B 112 5.44 29.90 -17.32
CA ASN B 112 6.11 31.22 -17.29
C ASN B 112 6.07 31.77 -15.86
N GLY B 113 6.44 30.93 -14.89
CA GLY B 113 6.58 31.32 -13.46
C GLY B 113 5.24 31.63 -12.80
N GLN B 114 4.10 31.35 -13.45
CA GLN B 114 2.73 31.75 -13.02
C GLN B 114 1.79 30.55 -13.08
N ARG B 115 0.93 30.40 -12.07
CA ARG B 115 0.03 29.22 -11.95
C ARG B 115 -0.86 29.12 -13.18
N ALA B 116 -0.82 27.98 -13.89
CA ALA B 116 -1.67 27.64 -15.05
C ALA B 116 -2.75 26.62 -14.66
N GLY B 117 -2.55 25.89 -13.57
CA GLY B 117 -3.52 24.87 -13.15
C GLY B 117 -3.19 24.30 -11.79
N THR B 118 -4.15 23.61 -11.21
CA THR B 118 -4.05 22.90 -9.92
C THR B 118 -4.77 21.56 -10.06
N CYS B 119 -4.17 20.48 -9.58
CA CYS B 119 -4.87 19.18 -9.51
C CYS B 119 -4.31 18.33 -8.37
N VAL B 120 -5.07 17.30 -8.02
CA VAL B 120 -4.61 16.16 -7.18
C VAL B 120 -3.83 15.27 -8.13
N LEU B 121 -2.56 15.04 -7.83
CA LEU B 121 -1.56 14.44 -8.76
C LEU B 121 -0.66 13.51 -7.96
N GLU B 122 -0.33 12.35 -8.54
CA GLU B 122 0.62 11.38 -7.95
C GLU B 122 1.05 10.36 -9.01
N TYR B 123 2.12 9.64 -8.70
CA TYR B 123 2.59 8.49 -9.48
C TYR B 123 1.84 7.27 -8.98
N ALA B 124 1.81 6.22 -9.80
CA ALA B 124 1.24 4.94 -9.34
C ALA B 124 2.34 4.24 -8.57
N THR B 125 2.22 4.17 -7.25
CA THR B 125 3.29 3.63 -6.39
C THR B 125 3.75 2.24 -6.87
N PRO B 126 2.88 1.33 -7.36
CA PRO B 126 3.34 0.00 -7.76
C PRO B 126 4.48 -0.01 -8.80
N LEU B 127 4.66 1.07 -9.54
CA LEU B 127 5.79 1.17 -10.50
C LEU B 127 7.12 1.18 -9.73
N GLN B 128 7.16 1.72 -8.51
CA GLN B 128 8.37 1.69 -7.67
C GLN B 128 8.71 0.25 -7.27
N THR B 129 7.69 -0.60 -7.12
CA THR B 129 7.94 -2.03 -6.82
C THR B 129 8.66 -2.65 -8.03
N LEU B 130 8.08 -2.52 -9.21
CA LEU B 130 8.71 -3.04 -10.45
C LEU B 130 10.14 -2.50 -10.56
N PHE B 131 10.38 -1.24 -10.18
CA PHE B 131 11.77 -0.71 -10.22
C PHE B 131 12.68 -1.42 -9.19
N ALA B 132 12.29 -1.45 -7.92
CA ALA B 132 13.09 -2.06 -6.85
C ALA B 132 13.28 -3.55 -7.12
N MET B 133 12.29 -4.22 -7.69
CA MET B 133 12.43 -5.65 -8.07
C MET B 133 13.52 -5.79 -9.15
N SER B 134 13.56 -4.85 -10.11
CA SER B 134 14.61 -4.90 -11.15
C SER B 134 15.99 -4.72 -10.50
N GLN B 135 16.07 -4.09 -9.32
CA GLN B 135 17.36 -3.76 -8.65
C GLN B 135 17.81 -4.83 -7.63
N TYR B 136 16.92 -5.72 -7.15
CA TYR B 136 17.26 -6.76 -6.14
C TYR B 136 17.48 -8.13 -6.81
N SER B 137 18.69 -8.64 -6.68
CA SER B 137 19.06 -9.94 -7.30
C SER B 137 18.08 -11.06 -6.97
N GLN B 138 17.56 -11.10 -5.75
CA GLN B 138 16.69 -12.22 -5.31
C GLN B 138 15.32 -12.18 -6.03
N ALA B 139 14.94 -11.04 -6.62
CA ALA B 139 13.65 -10.92 -7.33
C ALA B 139 13.77 -11.55 -8.72
N GLY B 140 14.98 -11.76 -9.21
CA GLY B 140 15.18 -12.36 -10.54
C GLY B 140 14.44 -11.59 -11.61
N PHE B 141 14.46 -10.26 -11.52
CA PHE B 141 13.71 -9.38 -12.45
C PHE B 141 14.68 -8.53 -13.27
N SER B 142 14.72 -8.74 -14.59
CA SER B 142 15.61 -7.96 -15.49
C SER B 142 14.99 -6.61 -15.82
N ARG B 143 15.73 -5.73 -16.48
CA ARG B 143 15.20 -4.40 -16.86
C ARG B 143 14.21 -4.58 -18.01
N GLU B 144 14.38 -5.62 -18.82
CA GLU B 144 13.41 -5.91 -19.90
C GLU B 144 12.11 -6.39 -19.27
N ASP B 145 12.21 -7.17 -18.20
CA ASP B 145 11.00 -7.61 -17.47
C ASP B 145 10.28 -6.37 -16.92
N ARG B 146 11.03 -5.42 -16.36
CA ARG B 146 10.43 -4.21 -15.77
C ARG B 146 9.58 -3.47 -16.80
N LEU B 147 10.13 -3.17 -17.99
CA LEU B 147 9.38 -2.37 -19.01
C LEU B 147 8.14 -3.15 -19.43
N GLU B 148 8.30 -4.45 -19.66
CA GLU B 148 7.19 -5.32 -20.10
C GLU B 148 6.14 -5.33 -18.97
N GLN B 149 6.56 -5.49 -17.71
CA GLN B 149 5.58 -5.58 -16.59
C GLN B 149 4.92 -4.21 -16.39
N ALA B 150 5.64 -3.11 -16.64
CA ALA B 150 5.08 -1.74 -16.48
C ALA B 150 3.93 -1.54 -17.47
N LYS B 151 4.11 -2.02 -18.70
CA LYS B 151 3.05 -1.93 -19.74
C LYS B 151 1.87 -2.83 -19.34
N LEU B 152 2.15 -4.03 -18.85
CA LEU B 152 1.09 -4.95 -18.39
C LEU B 152 0.34 -4.32 -17.21
N PHE B 153 1.07 -3.69 -16.28
CA PHE B 153 0.41 -2.98 -15.16
C PHE B 153 -0.55 -1.95 -15.72
N CYS B 154 -0.07 -1.13 -16.64
CA CYS B 154 -0.93 -0.04 -17.17
C CYS B 154 -2.18 -0.63 -17.83
N ARG B 155 -2.01 -1.63 -18.70
CA ARG B 155 -3.16 -2.20 -19.45
C ARG B 155 -4.13 -2.90 -18.49
N THR B 156 -3.60 -3.65 -17.52
CA THR B 156 -4.45 -4.36 -16.55
C THR B 156 -5.24 -3.32 -15.76
N LEU B 157 -4.57 -2.29 -15.27
CA LEU B 157 -5.23 -1.25 -14.46
C LEU B 157 -6.33 -0.57 -15.29
N GLU B 158 -6.03 -0.24 -16.54
CA GLU B 158 -6.98 0.46 -17.46
C GLU B 158 -8.18 -0.46 -17.69
N ASP B 159 -7.94 -1.74 -17.94
CA ASP B 159 -9.03 -2.73 -18.15
C ASP B 159 -9.89 -2.80 -16.89
N ILE B 160 -9.27 -2.84 -15.72
CA ILE B 160 -10.03 -2.88 -14.46
C ILE B 160 -10.88 -1.62 -14.34
N LEU B 161 -10.30 -0.44 -14.57
CA LEU B 161 -10.96 0.86 -14.24
C LEU B 161 -12.10 1.12 -15.23
N ALA B 162 -12.05 0.52 -16.41
CA ALA B 162 -13.08 0.70 -17.44
C ALA B 162 -14.39 0.05 -17.00
N ASP B 163 -14.32 -0.95 -16.12
CA ASP B 163 -15.53 -1.67 -15.66
C ASP B 163 -15.72 -1.41 -14.16
N ALA B 164 -14.87 -0.60 -13.54
CA ALA B 164 -14.96 -0.39 -12.08
C ALA B 164 -16.09 0.59 -11.79
N PRO B 165 -17.06 0.26 -10.92
CA PRO B 165 -18.14 1.18 -10.56
C PRO B 165 -17.64 2.40 -9.75
N GLU B 166 -16.53 2.24 -9.02
CA GLU B 166 -15.96 3.30 -8.15
C GLU B 166 -15.29 4.39 -8.99
N SER B 167 -15.04 4.15 -10.28
CA SER B 167 -14.53 5.14 -11.25
C SER B 167 -15.67 5.68 -12.12
N GLN B 168 -16.32 6.76 -11.64
CA GLN B 168 -17.32 7.57 -12.37
C GLN B 168 -16.70 8.94 -12.69
N ASN B 169 -15.88 9.01 -13.75
CA ASN B 169 -15.21 10.25 -14.21
C ASN B 169 -14.46 10.91 -13.03
N ASN B 170 -13.76 10.12 -12.20
CA ASN B 170 -13.08 10.68 -10.99
C ASN B 170 -11.57 10.41 -11.04
N CYS B 171 -11.09 9.83 -12.13
CA CYS B 171 -9.67 9.44 -12.24
C CYS B 171 -9.17 9.58 -13.67
N ARG B 172 -7.91 9.97 -13.84
CA ARG B 172 -7.31 10.05 -15.19
C ARG B 172 -5.90 9.45 -15.14
N LEU B 173 -5.64 8.47 -16.00
CA LEU B 173 -4.32 7.83 -16.06
C LEU B 173 -3.50 8.46 -17.18
N ILE B 174 -2.25 8.79 -16.90
CA ILE B 174 -1.35 9.37 -17.92
C ILE B 174 -0.14 8.45 -18.07
N ALA B 175 -0.19 7.58 -19.07
CA ALA B 175 0.94 6.69 -19.36
C ALA B 175 1.85 7.35 -20.39
N TYR B 176 3.16 7.26 -20.19
CA TYR B 176 4.14 7.92 -21.07
C TYR B 176 5.52 7.27 -20.92
N GLN B 177 6.26 7.26 -22.01
CA GLN B 177 7.67 6.82 -22.10
C GLN B 177 8.52 8.07 -22.33
N GLU B 178 9.27 8.49 -21.32
CA GLU B 178 10.28 9.58 -21.44
C GLU B 178 11.61 8.95 -21.84
N PRO B 179 12.14 9.25 -23.04
CA PRO B 179 13.37 8.61 -23.50
C PRO B 179 14.52 9.15 -22.64
N ALA B 180 15.74 8.63 -22.84
CA ALA B 180 16.89 9.00 -21.98
C ALA B 180 17.38 10.42 -22.27
N ASP B 181 17.33 11.28 -21.26
CA ASP B 181 17.87 12.66 -21.41
C ASP B 181 17.16 13.35 -22.58
N ASP B 182 15.86 13.61 -22.42
CA ASP B 182 15.08 14.22 -23.51
C ASP B 182 14.48 15.53 -23.02
N SER B 183 15.14 16.65 -23.33
CA SER B 183 14.68 17.98 -22.87
C SER B 183 13.36 18.36 -23.57
N SER B 184 12.93 17.54 -24.53
CA SER B 184 11.68 17.80 -25.26
C SER B 184 10.46 17.48 -24.38
N PHE B 185 10.69 17.00 -23.16
CA PHE B 185 9.55 16.56 -22.32
C PHE B 185 9.31 17.44 -21.09
N SER B 186 8.12 18.04 -21.03
CA SER B 186 7.64 18.81 -19.85
C SER B 186 6.43 18.08 -19.27
N LEU B 187 6.64 17.44 -18.12
CA LEU B 187 5.56 16.73 -17.40
C LEU B 187 4.47 17.73 -17.03
N SER B 188 4.88 18.91 -16.57
CA SER B 188 3.93 20.00 -16.25
C SER B 188 3.02 20.30 -17.46
N GLN B 189 3.61 20.57 -18.61
CA GLN B 189 2.83 20.87 -19.84
C GLN B 189 1.90 19.71 -20.17
N GLU B 190 2.39 18.48 -20.04
CA GLU B 190 1.58 17.29 -20.40
C GLU B 190 0.35 17.23 -19.50
N VAL B 191 0.54 17.39 -18.20
CA VAL B 191 -0.61 17.43 -17.26
C VAL B 191 -1.52 18.61 -17.67
N LEU B 192 -0.94 19.77 -17.95
CA LEU B 192 -1.77 20.96 -18.25
C LEU B 192 -2.59 20.68 -19.51
N ARG B 193 -2.03 19.98 -20.47
CA ARG B 193 -2.76 19.61 -21.71
C ARG B 193 -3.97 18.77 -21.36
N HIS B 194 -3.82 17.83 -20.44
CA HIS B 194 -4.97 16.98 -19.99
C HIS B 194 -5.98 17.85 -19.25
N LEU B 195 -5.49 18.77 -18.41
CA LEU B 195 -6.40 19.63 -17.61
C LEU B 195 -7.20 20.53 -18.56
N ARG B 196 -6.53 21.10 -19.56
CA ARG B 196 -7.15 22.00 -20.58
C ARG B 196 -8.11 21.18 -21.43
N GLN B 197 -7.73 19.98 -21.88
CA GLN B 197 -8.69 19.14 -22.64
C GLN B 197 -9.93 18.84 -21.79
N GLU B 198 -9.75 18.55 -20.52
CA GLU B 198 -10.90 18.19 -19.65
C GLU B 198 -11.90 19.34 -19.61
N GLU B 199 -11.46 20.51 -19.17
CA GLU B 199 -12.37 21.68 -19.03
C GLU B 199 -13.15 21.87 -20.34
N LYS B 200 -12.59 21.46 -21.47
CA LYS B 200 -13.33 21.51 -22.75
C LYS B 200 -14.23 20.28 -22.88
C38 KWF C . -1.88 4.72 1.17
C40 KWF C . -0.31 1.62 -3.00
C36 KWF C . -1.49 5.77 -0.84
C33 KWF C . -1.95 3.45 0.51
C30 KWF C . -3.12 -1.90 6.06
C25 KWF C . -3.03 -2.43 9.79
C26 KWF C . -2.82 -1.72 10.96
C28 KWF C . -2.47 0.28 9.66
C27 KWF C . -2.55 -0.36 10.90
C10 KWF C . -1.72 -1.71 -2.66
C02 KWF C . 0.93 -3.30 -0.53
C03 KWF C . 2.39 -3.29 -0.27
C04 KWF C . 3.02 -2.33 -1.21
C08 KWF C . -0.16 0.18 -2.65
C09 KWF C . -1.32 -0.41 -3.30
C13 KWF C . -1.75 1.83 -2.77
C15 KWF C . -2.11 1.35 -0.35
C16 KWF C . -2.17 2.08 0.83
C17 KWF C . -2.39 1.44 2.22
C18 KWF C . -2.07 0.11 2.37
C19 KWF C . -2.23 -0.51 3.60
C20 KWF C . -2.73 0.20 4.67
C21 KWF C . -2.85 -0.52 6.01
C22 KWF C . -2.62 0.19 7.19
C23 KWF C . -2.69 -0.46 8.46
C24 KWF C . -2.96 -1.78 8.53
C29 KWF C . -3.18 -2.52 7.30
C31 KWF C . -3.04 1.54 4.54
C32 KWF C . -2.87 2.16 3.31
C34 KWF C . -1.77 3.47 -0.86
C45 KWF C . 1.35 -2.64 1.69
C47 KWF C . 1.58 -0.19 1.94
C49 KWF C . 1.00 0.02 4.01
C50 KWF C . 0.93 -1.29 3.67
C52 KWF C . 0.17 -1.91 6.00
C55 KWF C . 0.63 0.46 5.43
C57 KWF C . 0.39 -2.46 0.57
N14 KWF C . -1.89 2.18 -1.36
N35 KWF C . -1.55 4.63 -1.50
N37 KWF C . -1.65 5.81 0.48
N39 KWF C . -2.04 4.83 2.62
N46 KWF C . 1.31 -1.41 2.41
N48 KWF C . 1.40 0.71 2.94
N51 KWF C . 0.52 -2.32 4.66
N53 KWF C . -0.23 -2.92 6.96
N54 KWF C . 0.23 -0.52 6.37
O01 KWF C . 0.42 -4.62 -0.47
O05 KWF C . 2.60 -1.03 -0.89
O07 KWF C . 1.11 -0.31 -3.13
O11 KWF C . -1.92 -1.49 -1.27
O12 KWF C . -2.38 0.60 -3.11
O41 KWF C . 0.02 1.85 -4.34
O42 KWF C . 2.56 1.44 -1.78
O43 KWF C . 3.60 -0.27 -3.02
O44 KWF C . 2.61 -2.85 1.10
O56 KWF C . 0.66 1.59 5.73
O58 KWF C . -0.90 -2.87 0.92
O60 KWF C . -2.41 -4.06 -0.90
O61 KWF C . -3.33 -2.41 0.52
P06 KWF C . 2.42 0.00 -2.17
P59 KWF C . -2.09 -2.77 -0.24
#